data_5SC5
#
_entry.id   5SC5
#
_cell.length_a   31.040
_cell.length_b   82.268
_cell.length_c   32.294
_cell.angle_alpha   90.000
_cell.angle_beta   117.810
_cell.angle_gamma   90.000
#
_symmetry.space_group_name_H-M   'P 1 21 1'
#
loop_
_entity.id
_entity.type
_entity.pdbx_description
1 polymer 'CD44 antigen'
2 non-polymer N-(3-methylbenzene-1-carbonyl)glycine
3 non-polymer 'DIMETHYL SULFOXIDE'
4 non-polymer 1,2-ETHANEDIOL
5 water water
#
_entity_poly.entity_id   1
_entity_poly.type   'polypeptide(L)'
_entity_poly.pdbx_seq_one_letter_code
;MNQIDLNVTCRYAGVFHVEKNGRYSISRTEAADLCQAFNSTLPTMDQMKLALSKGFETCRYGFIEGNVVIPRIHPNAICA
ANHTGVYILVTSNTSHYDTYCFNASAPPEEDCTSVTDLPNSFDGPVTITIVNRDGTRYSKKGEYRTHQEDID
;
_entity_poly.pdbx_strand_id   A
#
# COMPACT_ATOMS: atom_id res chain seq x y z
N ASN A 2 17.85 0.89 12.53
CA ASN A 2 16.45 1.32 12.67
C ASN A 2 15.95 1.73 11.28
N GLN A 3 15.46 0.75 10.51
CA GLN A 3 15.11 0.99 9.13
C GLN A 3 13.80 0.31 8.73
N ILE A 4 13.03 0.96 7.84
CA ILE A 4 11.81 0.38 7.28
C ILE A 4 11.86 0.57 5.78
N ASP A 5 11.61 -0.51 5.03
N ASP A 5 11.61 -0.51 5.02
CA ASP A 5 11.54 -0.46 3.57
CA ASP A 5 11.54 -0.42 3.57
C ASP A 5 10.06 -0.49 3.21
C ASP A 5 10.09 -0.52 3.16
N LEU A 6 9.65 0.37 2.29
CA LEU A 6 8.26 0.39 1.84
C LEU A 6 8.30 0.24 0.34
N ASN A 7 7.92 -0.95 -0.17
CA ASN A 7 7.86 -1.17 -1.61
C ASN A 7 6.53 -0.68 -2.12
N VAL A 8 6.56 0.19 -3.13
CA VAL A 8 5.32 0.77 -3.65
C VAL A 8 5.12 0.51 -5.16
N THR A 9 3.86 0.62 -5.61
CA THR A 9 3.55 0.37 -7.00
C THR A 9 3.18 1.68 -7.74
N CYS A 10 2.89 1.54 -9.05
CA CYS A 10 2.15 2.52 -9.85
C CYS A 10 0.86 2.88 -9.07
N ARG A 11 0.30 4.04 -9.36
CA ARG A 11 -1.00 4.43 -8.83
C ARG A 11 -2.00 4.28 -9.98
N TYR A 12 -3.21 3.84 -9.67
CA TYR A 12 -4.27 3.68 -10.65
C TYR A 12 -5.47 4.41 -10.11
N ALA A 13 -5.84 5.53 -10.71
CA ALA A 13 -6.90 6.38 -10.14
C ALA A 13 -6.61 6.71 -8.66
N GLY A 14 -5.33 6.94 -8.37
CA GLY A 14 -4.80 7.33 -7.05
C GLY A 14 -4.58 6.18 -6.08
N VAL A 15 -4.95 4.95 -6.46
CA VAL A 15 -4.77 3.82 -5.56
C VAL A 15 -3.43 3.11 -5.82
N PHE A 16 -2.72 2.72 -4.74
CA PHE A 16 -1.45 2.01 -4.88
C PHE A 16 -1.30 1.01 -3.74
N HIS A 17 -0.34 0.08 -3.91
CA HIS A 17 -0.05 -0.96 -2.91
C HIS A 17 1.27 -0.66 -2.24
N VAL A 18 1.34 -0.96 -0.92
CA VAL A 18 2.53 -0.74 -0.13
C VAL A 18 2.79 -2.03 0.63
N GLU A 19 4.03 -2.60 0.49
CA GLU A 19 4.46 -3.79 1.21
C GLU A 19 5.61 -3.34 2.10
N LYS A 20 5.51 -3.64 3.40
CA LYS A 20 6.53 -3.24 4.36
CA LYS A 20 6.54 -3.23 4.34
C LYS A 20 7.52 -4.36 4.62
N ASN A 21 8.82 -4.07 4.50
CA ASN A 21 9.88 -5.02 4.82
C ASN A 21 9.76 -6.38 4.16
N GLY A 22 9.24 -6.40 2.95
CA GLY A 22 9.18 -7.61 2.14
C GLY A 22 8.40 -8.77 2.70
N ARG A 23 7.45 -8.48 3.59
CA ARG A 23 6.62 -9.52 4.21
CA ARG A 23 6.58 -9.52 4.14
C ARG A 23 5.31 -8.94 4.70
N TYR A 24 4.28 -9.78 4.93
CA TYR A 24 3.01 -9.29 5.48
C TYR A 24 3.31 -8.84 6.91
N SER A 25 3.26 -7.53 7.16
CA SER A 25 3.72 -7.04 8.47
C SER A 25 3.02 -5.81 8.97
N ILE A 26 1.89 -5.43 8.36
CA ILE A 26 1.21 -4.19 8.71
C ILE A 26 -0.11 -4.51 9.42
N SER A 27 -0.36 -3.87 10.56
CA SER A 27 -1.66 -3.99 11.23
C SER A 27 -2.65 -3.00 10.66
N ARG A 28 -3.97 -3.13 10.96
CA ARG A 28 -4.93 -2.13 10.43
C ARG A 28 -4.61 -0.72 10.95
N THR A 29 -4.20 -0.58 12.21
CA THR A 29 -3.87 0.75 12.75
C THR A 29 -2.64 1.33 12.07
N GLU A 30 -1.62 0.49 11.84
CA GLU A 30 -0.40 0.94 11.17
CA GLU A 30 -0.42 0.95 11.17
C GLU A 30 -0.69 1.33 9.73
N ALA A 31 -1.60 0.61 9.05
CA ALA A 31 -1.93 0.90 7.66
C ALA A 31 -2.52 2.28 7.52
N ALA A 32 -3.44 2.68 8.42
CA ALA A 32 -4.04 4.00 8.31
C ALA A 32 -2.97 5.08 8.48
N ASP A 33 -2.04 4.86 9.42
CA ASP A 33 -0.98 5.83 9.70
C ASP A 33 0.02 5.91 8.54
N LEU A 34 0.28 4.77 7.91
CA LEU A 34 1.20 4.71 6.79
CA LEU A 34 1.20 4.66 6.78
C LEU A 34 0.64 5.47 5.62
N CYS A 35 -0.66 5.24 5.29
CA CYS A 35 -1.26 5.98 4.18
C CYS A 35 -1.26 7.48 4.48
N GLN A 36 -1.50 7.86 5.74
CA GLN A 36 -1.49 9.27 6.15
C GLN A 36 -0.13 9.90 5.87
N ALA A 37 0.97 9.14 6.03
CA ALA A 37 2.30 9.66 5.73
C ALA A 37 2.49 9.91 4.23
N PHE A 38 1.72 9.23 3.36
CA PHE A 38 1.74 9.48 1.93
C PHE A 38 0.62 10.49 1.55
N ASN A 39 0.07 11.29 2.51
CA ASN A 39 -1.06 12.21 2.24
C ASN A 39 -2.21 11.44 1.60
N SER A 40 -2.42 10.22 2.08
CA SER A 40 -3.37 9.29 1.51
C SER A 40 -4.24 8.66 2.60
N THR A 41 -5.27 7.91 2.19
CA THR A 41 -6.18 7.24 3.11
C THR A 41 -6.35 5.83 2.62
N LEU A 42 -6.91 4.96 3.48
CA LEU A 42 -7.24 3.61 3.00
CA LEU A 42 -7.25 3.60 3.03
C LEU A 42 -8.34 3.74 1.95
N PRO A 43 -8.21 3.10 0.79
CA PRO A 43 -9.24 3.25 -0.24
C PRO A 43 -10.58 2.74 0.22
N THR A 44 -11.66 3.33 -0.33
CA THR A 44 -12.97 2.73 -0.15
C THR A 44 -13.05 1.59 -1.19
N MET A 45 -14.04 0.69 -1.03
CA MET A 45 -14.25 -0.34 -2.02
C MET A 45 -14.55 0.29 -3.42
N ASP A 46 -15.33 1.38 -3.48
CA ASP A 46 -15.61 2.02 -4.79
C ASP A 46 -14.31 2.56 -5.41
N GLN A 47 -13.44 3.19 -4.60
CA GLN A 47 -12.17 3.70 -5.14
C GLN A 47 -11.31 2.57 -5.66
N MET A 48 -11.28 1.44 -4.93
CA MET A 48 -10.50 0.28 -5.36
C MET A 48 -11.09 -0.32 -6.65
N LYS A 49 -12.44 -0.39 -6.76
CA LYS A 49 -13.03 -0.94 -7.98
C LYS A 49 -12.68 -0.07 -9.21
N LEU A 50 -12.66 1.25 -9.03
CA LEU A 50 -12.32 2.11 -10.17
C LEU A 50 -10.84 1.93 -10.53
N ALA A 51 -9.98 1.78 -9.53
CA ALA A 51 -8.54 1.52 -9.80
C ALA A 51 -8.37 0.21 -10.59
N LEU A 52 -9.07 -0.85 -10.17
CA LEU A 52 -9.06 -2.13 -10.89
CA LEU A 52 -9.02 -2.12 -10.90
C LEU A 52 -9.45 -1.93 -12.38
N SER A 53 -10.51 -1.17 -12.62
CA SER A 53 -10.98 -0.93 -13.99
C SER A 53 -9.95 -0.19 -14.85
N LYS A 54 -9.03 0.58 -14.22
CA LYS A 54 -7.96 1.31 -14.92
C LYS A 54 -6.69 0.47 -15.13
N GLY A 55 -6.65 -0.76 -14.58
CA GLY A 55 -5.50 -1.64 -14.80
C GLY A 55 -4.79 -2.18 -13.57
N PHE A 56 -5.29 -1.86 -12.38
CA PHE A 56 -4.63 -2.27 -11.13
C PHE A 56 -4.89 -3.71 -10.74
N GLU A 57 -3.83 -4.46 -10.56
CA GLU A 57 -3.93 -5.78 -9.95
C GLU A 57 -2.66 -6.09 -9.20
N THR A 58 -2.78 -6.87 -8.11
CA THR A 58 -1.58 -7.31 -7.36
C THR A 58 -1.79 -8.80 -7.03
N CYS A 59 -0.80 -9.45 -6.38
CA CYS A 59 -0.98 -10.80 -5.91
C CYS A 59 -0.75 -10.84 -4.38
N ARG A 60 -1.16 -9.76 -3.69
CA ARG A 60 -0.92 -9.66 -2.25
C ARG A 60 -2.14 -9.15 -1.53
N TYR A 61 -2.43 -9.71 -0.36
CA TYR A 61 -3.53 -9.17 0.47
C TYR A 61 -3.15 -7.83 1.06
N GLY A 62 -4.09 -6.89 1.05
CA GLY A 62 -3.86 -5.60 1.70
C GLY A 62 -5.13 -4.95 2.19
N PHE A 63 -5.02 -4.10 3.20
CA PHE A 63 -6.18 -3.41 3.75
C PHE A 63 -6.72 -2.39 2.80
N ILE A 64 -8.05 -2.29 2.77
CA ILE A 64 -8.80 -1.13 2.29
C ILE A 64 -9.72 -0.74 3.47
N GLU A 65 -10.59 0.26 3.35
CA GLU A 65 -11.56 0.56 4.39
C GLU A 65 -12.52 -0.61 4.53
N GLY A 66 -12.52 -1.26 5.68
CA GLY A 66 -13.47 -2.32 6.02
C GLY A 66 -13.14 -3.74 5.67
N ASN A 67 -12.19 -3.96 4.74
CA ASN A 67 -11.86 -5.32 4.33
C ASN A 67 -10.38 -5.45 3.98
N VAL A 68 -9.97 -6.69 3.76
CA VAL A 68 -8.62 -7.03 3.27
C VAL A 68 -8.87 -7.67 1.90
N VAL A 69 -8.21 -7.17 0.86
CA VAL A 69 -8.53 -7.57 -0.51
C VAL A 69 -7.29 -7.83 -1.37
N ILE A 70 -7.52 -8.40 -2.56
CA ILE A 70 -6.55 -8.52 -3.63
C ILE A 70 -7.27 -8.08 -4.91
N PRO A 71 -6.87 -6.97 -5.57
CA PRO A 71 -7.50 -6.65 -6.88
C PRO A 71 -6.92 -7.55 -7.96
N ARG A 72 -7.77 -8.21 -8.75
CA ARG A 72 -7.34 -9.12 -9.80
C ARG A 72 -7.98 -8.82 -11.15
N ILE A 73 -7.16 -8.80 -12.20
CA ILE A 73 -7.68 -8.66 -13.54
C ILE A 73 -7.59 -10.01 -14.22
N HIS A 74 -6.41 -10.63 -14.25
CA HIS A 74 -6.19 -11.90 -14.94
C HIS A 74 -6.28 -13.06 -13.98
N PRO A 75 -7.02 -14.11 -14.34
CA PRO A 75 -7.10 -15.26 -13.43
C PRO A 75 -5.74 -15.93 -13.30
N ASN A 76 -5.25 -16.09 -12.08
CA ASN A 76 -3.97 -16.75 -11.83
C ASN A 76 -4.22 -17.67 -10.63
N ALA A 77 -3.88 -18.97 -10.80
CA ALA A 77 -4.17 -19.99 -9.80
C ALA A 77 -3.60 -19.71 -8.42
N ILE A 78 -2.47 -19.01 -8.36
CA ILE A 78 -1.82 -18.74 -7.06
C ILE A 78 -2.10 -17.31 -6.54
N CYS A 79 -2.99 -16.57 -7.20
CA CYS A 79 -3.37 -15.23 -6.76
C CYS A 79 -4.87 -15.21 -6.55
N ALA A 80 -5.33 -15.17 -5.30
CA ALA A 80 -6.76 -15.08 -4.96
C ALA A 80 -7.55 -16.25 -5.53
N ALA A 81 -6.95 -17.44 -5.50
CA ALA A 81 -7.59 -18.67 -5.97
C ALA A 81 -8.27 -18.57 -7.34
N ASN A 82 -7.56 -17.92 -8.30
CA ASN A 82 -7.98 -17.77 -9.70
C ASN A 82 -9.15 -16.80 -9.95
N HIS A 83 -9.53 -16.04 -8.91
CA HIS A 83 -10.64 -15.13 -9.04
C HIS A 83 -10.25 -13.85 -9.79
N THR A 84 -11.25 -13.17 -10.32
CA THR A 84 -11.05 -11.85 -10.92
C THR A 84 -11.91 -10.85 -10.13
N GLY A 85 -11.64 -9.55 -10.31
CA GLY A 85 -12.35 -8.52 -9.58
C GLY A 85 -11.65 -8.23 -8.28
N VAL A 86 -12.27 -7.41 -7.41
CA VAL A 86 -11.70 -7.17 -6.09
C VAL A 86 -12.04 -8.36 -5.23
N TYR A 87 -11.04 -9.22 -5.00
CA TYR A 87 -11.24 -10.43 -4.18
C TYR A 87 -11.16 -10.06 -2.72
N ILE A 88 -12.20 -10.43 -1.97
CA ILE A 88 -12.27 -10.13 -0.56
C ILE A 88 -11.86 -11.34 0.29
N LEU A 89 -10.87 -11.16 1.18
CA LEU A 89 -10.44 -12.23 2.11
C LEU A 89 -11.59 -12.47 3.08
N VAL A 90 -12.02 -13.72 3.22
CA VAL A 90 -13.13 -14.04 4.11
C VAL A 90 -12.62 -14.67 5.40
N THR A 91 -11.73 -15.70 5.31
CA THR A 91 -11.36 -16.41 6.51
C THR A 91 -9.87 -16.43 6.67
N SER A 92 -9.41 -15.91 7.80
CA SER A 92 -7.99 -15.96 8.13
C SER A 92 -7.83 -15.96 9.63
N ASN A 93 -6.81 -16.65 10.13
CA ASN A 93 -6.55 -16.62 11.59
C ASN A 93 -5.83 -15.32 12.01
N THR A 94 -5.12 -14.66 11.06
CA THR A 94 -4.09 -13.68 11.35
C THR A 94 -4.43 -12.27 10.92
N SER A 95 -3.70 -11.29 11.47
CA SER A 95 -4.11 -9.89 11.40
C SER A 95 -3.20 -8.97 10.61
N HIS A 96 -2.04 -9.47 10.15
CA HIS A 96 -1.05 -8.60 9.48
C HIS A 96 -1.02 -8.81 7.98
N TYR A 97 -1.07 -7.73 7.20
CA TYR A 97 -1.14 -7.85 5.74
C TYR A 97 -0.31 -6.70 5.15
N ASP A 98 -0.39 -6.48 3.86
CA ASP A 98 0.18 -5.23 3.27
C ASP A 98 -0.95 -4.18 3.39
N THR A 99 -0.78 -3.02 2.72
CA THR A 99 -1.89 -2.08 2.67
C THR A 99 -2.03 -1.48 1.31
N TYR A 100 -3.26 -1.04 0.98
CA TYR A 100 -3.46 -0.18 -0.18
C TYR A 100 -3.67 1.24 0.39
N CYS A 101 -3.37 2.27 -0.43
CA CYS A 101 -3.53 3.68 -0.06
C CYS A 101 -4.13 4.38 -1.25
N PHE A 102 -4.83 5.52 -1.01
CA PHE A 102 -5.50 6.30 -2.04
C PHE A 102 -5.05 7.74 -1.87
N ASN A 103 -4.47 8.33 -2.94
CA ASN A 103 -4.06 9.72 -2.94
C ASN A 103 -4.94 10.45 -3.96
N ALA A 104 -5.85 11.32 -3.48
CA ALA A 104 -6.81 12.02 -4.31
C ALA A 104 -6.18 12.99 -5.30
N SER A 105 -4.89 13.37 -5.09
CA SER A 105 -4.18 14.32 -5.97
CA SER A 105 -4.22 14.32 -6.00
C SER A 105 -3.43 13.64 -7.12
N ALA A 106 -3.41 12.29 -7.14
CA ALA A 106 -2.71 11.54 -8.17
C ALA A 106 -3.47 11.70 -9.51
N PRO A 107 -2.84 11.27 -10.61
CA PRO A 107 -3.53 11.37 -11.92
C PRO A 107 -4.75 10.43 -11.99
N PRO A 108 -5.72 10.70 -12.87
CA PRO A 108 -6.96 9.89 -12.87
C PRO A 108 -6.83 8.43 -13.32
N GLU A 109 -5.83 8.10 -14.15
CA GLU A 109 -5.72 6.77 -14.70
C GLU A 109 -4.43 6.11 -14.25
N GLU A 110 -3.68 5.42 -15.11
CA GLU A 110 -2.48 4.73 -14.70
C GLU A 110 -1.36 5.72 -14.60
N ASP A 111 -0.71 5.75 -13.45
CA ASP A 111 0.48 6.57 -13.22
C ASP A 111 1.62 5.66 -12.78
N CYS A 112 2.46 5.28 -13.73
CA CYS A 112 3.60 4.43 -13.43
C CYS A 112 4.89 5.21 -13.32
N THR A 113 4.83 6.47 -12.92
CA THR A 113 6.03 7.19 -12.53
C THR A 113 6.39 6.69 -11.12
N SER A 114 7.61 6.99 -10.67
CA SER A 114 8.06 6.58 -9.35
C SER A 114 7.55 7.54 -8.24
N VAL A 115 7.48 7.01 -7.01
CA VAL A 115 7.13 7.80 -5.83
C VAL A 115 8.48 8.31 -5.28
N THR A 116 8.60 9.62 -5.07
CA THR A 116 9.89 10.21 -4.69
C THR A 116 9.80 11.03 -3.40
N ASP A 117 8.79 10.78 -2.56
CA ASP A 117 8.60 11.54 -1.31
C ASP A 117 7.64 10.82 -0.39
N LEU A 118 7.74 11.11 0.91
CA LEU A 118 6.87 10.62 1.97
C LEU A 118 6.53 11.96 2.63
N PRO A 119 5.56 12.70 2.06
CA PRO A 119 5.39 14.11 2.43
C PRO A 119 4.88 14.42 3.82
N ASN A 120 4.21 13.45 4.45
CA ASN A 120 3.56 13.72 5.72
C ASN A 120 4.04 12.86 6.87
N SER A 121 5.26 12.30 6.76
CA SER A 121 5.86 11.61 7.89
C SER A 121 6.24 12.71 8.93
N PHE A 122 6.41 12.28 10.18
CA PHE A 122 6.75 13.25 11.23
C PHE A 122 8.16 12.98 11.75
N ASP A 123 8.64 13.82 12.67
CA ASP A 123 9.98 13.69 13.23
C ASP A 123 10.12 12.34 13.93
N GLY A 124 11.25 11.70 13.76
CA GLY A 124 11.51 10.42 14.40
C GLY A 124 12.84 9.85 14.01
N PRO A 125 13.18 8.68 14.58
CA PRO A 125 14.54 8.16 14.40
C PRO A 125 14.73 7.12 13.30
N VAL A 126 13.65 6.73 12.62
CA VAL A 126 13.73 5.63 11.66
C VAL A 126 14.19 6.06 10.28
N THR A 127 15.07 5.29 9.61
CA THR A 127 15.41 5.58 8.21
C THR A 127 14.32 4.85 7.36
N ILE A 128 13.42 5.62 6.76
CA ILE A 128 12.34 5.03 5.98
C ILE A 128 12.71 5.11 4.52
N THR A 129 12.71 3.99 3.80
CA THR A 129 13.08 4.01 2.39
C THR A 129 11.94 3.55 1.53
N ILE A 130 11.54 4.39 0.59
CA ILE A 130 10.53 4.04 -0.40
CA ILE A 130 10.53 4.05 -0.39
C ILE A 130 11.28 3.38 -1.53
N VAL A 131 10.86 2.16 -1.89
CA VAL A 131 11.46 1.39 -2.96
C VAL A 131 10.46 1.23 -4.09
N ASN A 132 10.78 1.80 -5.27
CA ASN A 132 9.93 1.63 -6.43
C ASN A 132 10.22 0.30 -7.12
N ARG A 133 9.30 -0.12 -7.98
CA ARG A 133 9.46 -1.38 -8.71
CA ARG A 133 9.47 -1.38 -8.71
C ARG A 133 10.68 -1.33 -9.64
N ASP A 134 11.02 -0.13 -10.15
CA ASP A 134 12.19 0.00 -10.99
C ASP A 134 13.49 0.14 -10.17
N GLY A 135 13.41 -0.01 -8.85
CA GLY A 135 14.58 0.02 -7.99
C GLY A 135 14.93 1.38 -7.46
N THR A 136 14.35 2.45 -8.03
CA THR A 136 14.71 3.78 -7.53
C THR A 136 14.22 3.96 -6.11
N ARG A 137 15.03 4.63 -5.31
CA ARG A 137 14.74 4.78 -3.89
CA ARG A 137 14.74 4.77 -3.90
C ARG A 137 14.75 6.20 -3.41
N TYR A 138 13.94 6.47 -2.38
CA TYR A 138 13.86 7.79 -1.72
C TYR A 138 13.89 7.45 -0.22
N SER A 139 14.78 8.08 0.52
CA SER A 139 14.92 7.80 1.95
CA SER A 139 14.95 7.79 1.94
C SER A 139 14.83 9.06 2.77
N LYS A 140 14.28 8.93 3.97
CA LYS A 140 14.18 10.07 4.89
C LYS A 140 14.13 9.55 6.31
N LYS A 141 14.66 10.32 7.25
CA LYS A 141 14.63 9.93 8.67
C LYS A 141 13.32 10.47 9.24
N GLY A 142 12.58 9.61 9.94
CA GLY A 142 11.31 10.07 10.52
C GLY A 142 10.54 8.96 11.18
N GLU A 143 9.22 9.15 11.24
CA GLU A 143 8.34 8.12 11.80
C GLU A 143 6.95 8.38 11.25
N TYR A 144 6.13 7.33 11.17
CA TYR A 144 4.74 7.49 10.77
C TYR A 144 3.76 6.79 11.76
N ARG A 145 4.25 5.89 12.60
CA ARG A 145 3.40 5.10 13.50
C ARG A 145 2.97 5.89 14.72
N THR A 146 1.67 6.06 14.91
CA THR A 146 1.14 6.79 16.06
C THR A 146 0.68 5.90 17.20
N HIS A 147 0.66 4.58 17.01
CA HIS A 147 0.21 3.66 18.04
C HIS A 147 1.44 2.90 18.54
N GLN A 148 1.75 3.01 19.84
CA GLN A 148 2.92 2.37 20.43
C GLN A 148 2.96 0.86 20.21
N GLU A 149 1.80 0.19 20.20
CA GLU A 149 1.70 -1.25 19.98
C GLU A 149 2.20 -1.68 18.58
N ASP A 150 2.24 -0.74 17.63
CA ASP A 150 2.78 -1.03 16.30
C ASP A 150 4.32 -0.85 16.24
N ILE A 151 4.95 -0.28 17.27
CA ILE A 151 6.40 -0.04 17.26
C ILE A 151 7.18 -1.09 18.04
#